data_1UMZ
#
_entry.id   1UMZ
#
_cell.length_a   188.162
_cell.length_b   188.162
_cell.length_c   45.896
_cell.angle_alpha   90.00
_cell.angle_beta   90.00
_cell.angle_gamma   120.00
#
_symmetry.space_group_name_H-M   'P 63'
#
loop_
_entity.id
_entity.type
_entity.pdbx_description
1 polymer 'XYLOGLUCAN ENDOTRANSGLYCOSYLASE'
2 branched beta-D-mannopyranose-(1-4)-2-acetamido-2-deoxy-beta-D-glucopyranose-(1-4)-2-acetamido-2-deoxy-beta-D-glucopyranose
3 branched alpha-D-xylopyranose-(1-6)-beta-D-glucopyranose-(1-4)-[beta-D-galactopyranose-(1-2)-alpha-D-xylopyranose-(1-6)]beta-D-glucopyranose-(1-4)-beta-D-glucopyranose
4 water water
#
_entity_poly.entity_id   1
_entity_poly.type   'polypeptide(L)'
_entity_poly.pdbx_seq_one_letter_code
;(UNK)ETAAFAALRKPVDVAFGRNYVPTWAFDHIKYFNGGNEIQLHLDKYTGTGFQSKGSYLFGHFSMQMKLVPGDSAGT
VTAFYLSSQNSEHDEIDFEFLGNRTGQPYILQTNVFTGGKGDREQRIYLWFDPTKEFHYYSVLWNMYMIVFLVDDVPIRV
FKNCKDLGVKFPFNQPMKIYSSLWNADDWATRGGLEKTDWSKAPFIASYRSFHIDGCEASVEAKFCATQGARWWDQKEFQ
DLDAFQYRRLSWVRQKYTIYNYCTDRSRYPSMPPECKRDRDI
;
_entity_poly.pdbx_strand_id   A,B
#
# COMPACT_ATOMS: atom_id res chain seq x y z
N PRO A 12 0.43 0.74 -22.78
CA PRO A 12 -0.61 1.58 -23.45
C PRO A 12 -0.02 2.63 -24.41
N VAL A 13 -0.49 2.63 -25.65
CA VAL A 13 -0.12 3.63 -26.66
C VAL A 13 -1.23 4.70 -26.77
N ASP A 14 -0.86 5.96 -26.61
CA ASP A 14 -1.83 7.07 -26.68
C ASP A 14 -2.22 7.38 -28.13
N VAL A 15 -3.52 7.44 -28.39
CA VAL A 15 -4.06 7.75 -29.71
C VAL A 15 -5.14 8.82 -29.56
N ALA A 16 -5.69 9.28 -30.69
CA ALA A 16 -6.75 10.29 -30.62
C ALA A 16 -8.08 9.59 -30.34
N PHE A 17 -8.96 10.31 -29.67
CA PHE A 17 -10.31 9.84 -29.35
C PHE A 17 -11.01 9.19 -30.54
N GLY A 18 -11.02 9.89 -31.67
CA GLY A 18 -11.78 9.47 -32.84
C GLY A 18 -11.30 8.20 -33.54
N ARG A 19 -10.09 7.75 -33.22
CA ARG A 19 -9.62 6.48 -33.72
C ARG A 19 -10.46 5.30 -33.18
N ASN A 20 -10.84 5.37 -31.90
CA ASN A 20 -11.44 4.23 -31.23
C ASN A 20 -12.86 4.45 -30.70
N TYR A 21 -13.29 5.72 -30.57
CA TYR A 21 -14.51 6.08 -29.85
C TYR A 21 -15.44 7.02 -30.63
N VAL A 22 -16.73 6.96 -30.31
CA VAL A 22 -17.70 7.91 -30.80
C VAL A 22 -18.51 8.46 -29.63
N PRO A 23 -18.93 9.71 -29.72
CA PRO A 23 -19.81 10.28 -28.70
C PRO A 23 -21.16 9.65 -28.82
N THR A 24 -21.86 9.49 -27.69
CA THR A 24 -23.24 9.01 -27.81
C THR A 24 -24.30 9.96 -27.34
N TRP A 25 -23.99 10.83 -26.40
CA TRP A 25 -24.98 11.74 -25.82
C TRP A 25 -24.39 13.11 -25.56
N ALA A 26 -25.16 14.14 -25.89
CA ALA A 26 -24.77 15.54 -25.65
C ALA A 26 -23.40 15.82 -26.25
N PHE A 27 -23.34 15.78 -27.58
CA PHE A 27 -22.09 15.95 -28.33
C PHE A 27 -21.41 17.25 -28.02
N ASP A 28 -22.19 18.27 -27.71
CA ASP A 28 -21.64 19.59 -27.41
C ASP A 28 -21.04 19.69 -26.00
N HIS A 29 -21.22 18.63 -25.23
CA HIS A 29 -20.68 18.58 -23.87
C HIS A 29 -19.33 17.86 -23.84
N ILE A 30 -18.83 17.47 -25.01
CA ILE A 30 -17.50 16.87 -25.13
C ILE A 30 -16.64 17.93 -25.84
N LYS A 31 -15.59 18.37 -25.17
CA LYS A 31 -14.66 19.35 -25.72
C LYS A 31 -13.41 18.60 -26.13
N TYR A 32 -12.98 18.79 -27.39
CA TYR A 32 -11.80 18.12 -27.95
C TYR A 32 -10.60 19.07 -27.99
N PHE A 33 -9.46 18.60 -27.48
CA PHE A 33 -8.24 19.40 -27.46
C PHE A 33 -7.16 18.64 -28.16
N ASN A 34 -6.18 19.37 -28.71
CA ASN A 34 -5.03 18.74 -29.38
C ASN A 34 -5.46 17.63 -30.34
N GLY A 35 -6.43 17.95 -31.19
CA GLY A 35 -6.90 17.02 -32.20
C GLY A 35 -7.68 15.81 -31.66
N GLY A 36 -8.18 15.91 -30.44
CA GLY A 36 -8.82 14.78 -29.78
C GLY A 36 -7.88 13.92 -28.96
N ASN A 37 -6.61 14.30 -28.84
CA ASN A 37 -5.70 13.58 -27.94
C ASN A 37 -6.08 13.76 -26.46
N GLU A 38 -6.84 14.82 -26.15
CA GLU A 38 -7.42 15.04 -24.83
C GLU A 38 -8.86 15.50 -25.02
N ILE A 39 -9.78 14.96 -24.22
CA ILE A 39 -11.15 15.45 -24.22
C ILE A 39 -11.63 15.80 -22.82
N GLN A 40 -12.62 16.68 -22.74
CA GLN A 40 -13.27 17.02 -21.50
C GLN A 40 -14.74 16.69 -21.62
N LEU A 41 -15.27 15.97 -20.64
CA LEU A 41 -16.69 15.75 -20.52
C LEU A 41 -17.25 16.72 -19.50
N HIS A 42 -18.35 17.39 -19.86
CA HIS A 42 -19.02 18.40 -19.07
C HIS A 42 -20.39 17.90 -18.61
N LEU A 43 -20.72 18.22 -17.36
CA LEU A 43 -21.99 17.91 -16.71
C LEU A 43 -22.59 19.18 -16.10
N ASP A 44 -23.84 19.46 -16.45
CA ASP A 44 -24.58 20.55 -15.82
C ASP A 44 -25.98 20.05 -15.48
N LYS A 45 -26.84 20.91 -14.99
CA LYS A 45 -28.13 20.43 -14.49
C LYS A 45 -29.03 19.83 -15.57
N TYR A 46 -28.81 20.15 -16.82
CA TYR A 46 -29.64 19.59 -17.91
C TYR A 46 -29.12 18.27 -18.44
N THR A 47 -27.79 18.13 -18.47
CA THR A 47 -27.24 16.94 -19.07
C THR A 47 -25.79 16.68 -18.65
N GLY A 48 -25.45 15.40 -18.56
CA GLY A 48 -24.09 14.93 -18.66
C GLY A 48 -23.80 14.48 -20.07
N THR A 49 -22.86 13.55 -20.21
CA THR A 49 -22.42 13.13 -21.53
C THR A 49 -21.70 11.81 -21.44
N GLY A 50 -21.48 11.21 -22.58
CA GLY A 50 -20.81 9.94 -22.68
C GLY A 50 -20.40 9.58 -24.08
N PHE A 51 -19.59 8.54 -24.14
CA PHE A 51 -19.07 8.04 -25.39
C PHE A 51 -18.85 6.55 -25.31
N GLN A 52 -18.61 5.93 -26.44
CA GLN A 52 -18.42 4.49 -26.49
C GLN A 52 -17.52 4.10 -27.63
N SER A 53 -16.97 2.90 -27.52
CA SER A 53 -16.08 2.39 -28.54
C SER A 53 -16.84 2.06 -29.80
N LYS A 54 -16.19 2.28 -30.93
CA LYS A 54 -16.72 1.86 -32.24
C LYS A 54 -16.84 0.34 -32.32
N GLY A 55 -15.87 -0.36 -31.77
CA GLY A 55 -15.82 -1.81 -31.81
C GLY A 55 -16.33 -2.49 -30.54
N SER A 56 -16.60 -3.79 -30.68
CA SER A 56 -16.89 -4.74 -29.57
C SER A 56 -15.77 -5.75 -29.48
N TYR A 57 -15.48 -6.20 -28.25
CA TYR A 57 -14.28 -7.00 -27.98
C TYR A 57 -14.60 -8.13 -27.06
N LEU A 58 -13.94 -9.26 -27.26
CA LEU A 58 -14.01 -10.39 -26.34
C LEU A 58 -12.57 -10.64 -25.93
N PHE A 59 -12.23 -10.17 -24.73
CA PHE A 59 -10.88 -10.13 -24.18
C PHE A 59 -10.04 -8.99 -24.77
N GLY A 60 -9.10 -8.54 -23.97
CA GLY A 60 -8.18 -7.46 -24.34
C GLY A 60 -7.65 -6.67 -23.18
N HIS A 61 -6.93 -5.60 -23.56
CA HIS A 61 -6.28 -4.69 -22.66
C HIS A 61 -6.78 -3.32 -23.03
N PHE A 62 -7.42 -2.65 -22.06
CA PHE A 62 -8.18 -1.42 -22.30
C PHE A 62 -7.73 -0.40 -21.27
N SER A 63 -7.34 0.80 -21.69
CA SER A 63 -6.75 1.76 -20.75
C SER A 63 -7.14 3.18 -21.13
N MET A 64 -7.38 3.98 -20.11
CA MET A 64 -7.75 5.37 -20.21
C MET A 64 -6.92 6.16 -19.21
N GLN A 65 -6.38 7.29 -19.65
CA GLN A 65 -5.87 8.27 -18.73
C GLN A 65 -6.98 9.21 -18.35
N MET A 66 -7.19 9.41 -17.07
CA MET A 66 -8.23 10.26 -16.57
C MET A 66 -7.77 11.21 -15.48
N LYS A 67 -8.36 12.39 -15.48
CA LYS A 67 -8.15 13.39 -14.43
C LYS A 67 -9.55 13.82 -14.02
N LEU A 68 -9.86 13.66 -12.75
CA LEU A 68 -11.22 13.71 -12.28
C LEU A 68 -11.66 15.17 -11.99
N VAL A 69 -12.92 15.32 -11.63
CA VAL A 69 -13.57 16.61 -11.44
C VAL A 69 -12.97 17.33 -10.21
N PRO A 70 -12.38 18.50 -10.42
CA PRO A 70 -11.75 19.23 -9.31
C PRO A 70 -12.77 19.93 -8.42
N GLY A 71 -12.34 20.45 -7.25
CA GLY A 71 -13.22 21.17 -6.35
C GLY A 71 -14.39 20.37 -5.80
N ASP A 72 -15.59 20.95 -5.83
CA ASP A 72 -16.79 20.23 -5.41
C ASP A 72 -17.26 19.35 -6.55
N SER A 73 -17.21 18.04 -6.33
CA SER A 73 -17.66 17.03 -7.29
C SER A 73 -18.75 16.14 -6.67
N ALA A 74 -19.32 16.57 -5.55
CA ALA A 74 -20.28 15.76 -4.82
C ALA A 74 -21.45 15.41 -5.69
N GLY A 75 -21.88 14.16 -5.55
CA GLY A 75 -23.01 13.62 -6.27
C GLY A 75 -22.73 13.17 -7.69
N THR A 76 -21.52 13.43 -8.21
CA THR A 76 -21.24 13.07 -9.57
C THR A 76 -20.57 11.71 -9.61
N VAL A 77 -20.80 11.00 -10.72
CA VAL A 77 -20.11 9.76 -11.03
C VAL A 77 -19.45 9.86 -12.42
N THR A 78 -18.15 9.61 -12.48
CA THR A 78 -17.43 9.50 -13.73
C THR A 78 -17.17 8.01 -13.90
N ALA A 79 -17.70 7.44 -14.98
CA ALA A 79 -17.62 6.00 -15.24
C ALA A 79 -16.75 5.67 -16.42
N PHE A 80 -15.97 4.60 -16.33
CA PHE A 80 -15.20 4.04 -17.40
C PHE A 80 -15.44 2.56 -17.27
N TYR A 81 -16.07 1.92 -18.25
CA TYR A 81 -16.56 0.55 -18.07
C TYR A 81 -16.69 -0.20 -19.37
N LEU A 82 -16.69 -1.53 -19.28
CA LEU A 82 -17.01 -2.39 -20.40
C LEU A 82 -18.37 -3.01 -20.12
N SER A 83 -19.19 -3.12 -21.14
CA SER A 83 -20.47 -3.84 -21.00
C SER A 83 -20.90 -4.55 -22.27
N SER A 84 -21.51 -5.72 -22.12
CA SER A 84 -22.17 -6.39 -23.24
C SER A 84 -23.56 -5.77 -23.42
N GLN A 85 -24.28 -6.18 -24.46
CA GLN A 85 -25.56 -5.53 -24.83
C GLN A 85 -26.82 -6.21 -24.30
N ASN A 86 -26.85 -7.53 -24.36
CA ASN A 86 -28.11 -8.25 -24.16
C ASN A 86 -28.54 -8.19 -22.71
N SER A 87 -29.71 -8.77 -22.40
CA SER A 87 -30.08 -9.10 -21.03
C SER A 87 -29.15 -10.23 -20.61
N GLU A 88 -29.10 -10.51 -19.31
CA GLU A 88 -28.03 -11.34 -18.72
C GLU A 88 -26.65 -10.77 -19.08
N HIS A 89 -26.52 -9.46 -18.97
CA HIS A 89 -25.30 -8.76 -19.39
C HIS A 89 -24.12 -8.96 -18.44
N ASP A 90 -22.92 -8.79 -19.03
CA ASP A 90 -21.67 -8.79 -18.31
C ASP A 90 -21.16 -7.32 -18.36
N GLU A 91 -20.46 -6.93 -17.32
CA GLU A 91 -19.94 -5.57 -17.18
C GLU A 91 -18.78 -5.54 -16.20
N ILE A 92 -17.79 -4.70 -16.52
CA ILE A 92 -16.62 -4.48 -15.70
C ILE A 92 -16.58 -2.96 -15.50
N ASP A 93 -16.66 -2.48 -14.26
CA ASP A 93 -16.86 -1.03 -13.97
C ASP A 93 -15.77 -0.38 -13.13
N PHE A 94 -15.35 0.82 -13.57
CA PHE A 94 -14.74 1.85 -12.72
C PHE A 94 -15.77 2.97 -12.58
N GLU A 95 -16.13 3.34 -11.36
CA GLU A 95 -17.04 4.43 -11.08
C GLU A 95 -16.40 5.32 -10.02
N PHE A 96 -16.03 6.54 -10.44
CA PHE A 96 -15.40 7.52 -9.56
C PHE A 96 -16.44 8.40 -8.95
N LEU A 97 -16.59 8.31 -7.64
CA LEU A 97 -17.59 9.01 -6.90
C LEU A 97 -17.03 10.27 -6.24
N GLY A 98 -17.54 11.43 -6.65
CA GLY A 98 -17.00 12.70 -6.22
C GLY A 98 -17.36 13.08 -4.78
N ASN A 99 -16.95 14.28 -4.41
CA ASN A 99 -17.10 14.73 -3.02
C ASN A 99 -17.06 16.25 -2.89
N ARG A 100 -17.52 16.76 -1.76
CA ARG A 100 -17.34 18.15 -1.38
C ARG A 100 -15.87 18.50 -1.47
N THR A 101 -15.60 19.79 -1.68
CA THR A 101 -14.23 20.29 -1.81
C THR A 101 -13.34 19.80 -0.67
N GLY A 102 -12.15 19.33 -1.03
CA GLY A 102 -11.17 18.83 -0.08
C GLY A 102 -11.48 17.51 0.59
N GLN A 103 -12.55 16.84 0.17
CA GLN A 103 -12.89 15.54 0.71
C GLN A 103 -12.61 14.48 -0.37
N PRO A 104 -12.29 13.26 0.03
CA PRO A 104 -11.74 12.27 -0.91
C PRO A 104 -12.73 11.65 -1.88
N TYR A 105 -12.28 11.52 -3.12
CA TYR A 105 -12.92 10.71 -4.14
C TYR A 105 -12.93 9.26 -3.70
N ILE A 106 -13.96 8.53 -4.11
CA ILE A 106 -13.93 7.07 -4.02
C ILE A 106 -13.80 6.48 -5.42
N LEU A 107 -12.95 5.49 -5.61
CA LEU A 107 -13.00 4.66 -6.81
C LEU A 107 -13.76 3.37 -6.49
N GLN A 108 -14.96 3.24 -7.03
CA GLN A 108 -15.75 2.01 -6.94
C GLN A 108 -15.54 1.13 -8.15
N THR A 109 -15.32 -0.16 -7.92
CA THR A 109 -15.30 -1.14 -8.99
C THR A 109 -16.44 -2.14 -8.76
N ASN A 110 -16.84 -2.80 -9.83
CA ASN A 110 -17.95 -3.75 -9.82
C ASN A 110 -17.80 -4.68 -11.00
N VAL A 111 -18.38 -5.88 -10.88
CA VAL A 111 -18.36 -6.86 -11.94
C VAL A 111 -19.75 -7.46 -12.02
N PHE A 112 -20.38 -7.36 -13.19
CA PHE A 112 -21.63 -8.06 -13.48
C PHE A 112 -21.37 -9.28 -14.32
N THR A 113 -22.01 -10.41 -13.98
CA THR A 113 -21.97 -11.62 -14.79
C THR A 113 -23.39 -12.16 -14.95
N GLY A 114 -23.87 -12.33 -16.18
CA GLY A 114 -25.20 -12.89 -16.39
C GLY A 114 -26.28 -12.00 -15.81
N GLY A 115 -26.04 -10.68 -15.79
CA GLY A 115 -27.04 -9.72 -15.34
C GLY A 115 -26.97 -9.40 -13.85
N LYS A 116 -26.14 -10.11 -13.12
CA LYS A 116 -26.03 -9.96 -11.68
C LYS A 116 -24.71 -9.32 -11.29
N GLY A 117 -24.80 -8.17 -10.62
CA GLY A 117 -23.65 -7.50 -10.04
C GLY A 117 -23.47 -7.72 -8.53
N ASP A 118 -23.65 -6.64 -7.77
CA ASP A 118 -23.46 -6.63 -6.31
C ASP A 118 -22.10 -7.07 -5.87
N ARG A 119 -21.09 -6.68 -6.65
CA ARG A 119 -19.77 -7.02 -6.29
C ARG A 119 -18.97 -5.74 -6.13
N GLU A 120 -19.55 -4.75 -5.49
CA GLU A 120 -18.89 -3.44 -5.28
C GLU A 120 -17.67 -3.54 -4.37
N GLN A 121 -16.56 -2.93 -4.76
CA GLN A 121 -15.50 -2.59 -3.85
C GLN A 121 -15.30 -1.09 -3.99
N ARG A 122 -14.93 -0.43 -2.88
CA ARG A 122 -14.62 0.99 -2.90
C ARG A 122 -13.28 1.23 -2.24
N ILE A 123 -12.44 2.00 -2.91
CA ILE A 123 -11.15 2.40 -2.40
C ILE A 123 -11.00 3.92 -2.42
N TYR A 124 -10.17 4.41 -1.53
CA TYR A 124 -9.54 5.69 -1.70
C TYR A 124 -8.26 5.49 -2.50
N LEU A 125 -7.75 6.58 -3.07
CA LEU A 125 -6.56 6.52 -3.86
C LEU A 125 -5.37 7.12 -3.08
N TRP A 126 -4.18 6.77 -3.53
CA TRP A 126 -2.90 7.17 -2.93
C TRP A 126 -2.30 8.42 -3.62
N PHE A 127 -3.17 9.21 -4.25
CA PHE A 127 -2.87 10.49 -4.91
C PHE A 127 -4.23 11.22 -5.08
N ASP A 128 -4.17 12.50 -5.39
CA ASP A 128 -5.36 13.30 -5.64
C ASP A 128 -5.68 13.07 -7.11
N PRO A 129 -6.77 12.38 -7.42
CA PRO A 129 -7.02 12.03 -8.82
C PRO A 129 -7.49 13.23 -9.66
N THR A 130 -7.72 14.37 -9.03
CA THR A 130 -8.09 15.58 -9.77
C THR A 130 -6.90 16.43 -10.19
N LYS A 131 -5.70 16.12 -9.70
CA LYS A 131 -4.52 16.99 -9.90
C LYS A 131 -3.70 16.64 -11.15
N GLU A 132 -3.59 15.35 -11.50
CA GLU A 132 -2.87 14.88 -12.68
C GLU A 132 -3.65 13.74 -13.34
N PHE A 133 -3.31 13.46 -14.58
CA PHE A 133 -3.81 12.26 -15.28
C PHE A 133 -3.12 11.03 -14.74
N HIS A 134 -3.93 10.00 -14.51
CA HIS A 134 -3.46 8.67 -14.14
C HIS A 134 -4.11 7.64 -15.05
N TYR A 135 -3.48 6.47 -15.17
CA TYR A 135 -3.97 5.40 -16.04
C TYR A 135 -4.92 4.50 -15.24
N TYR A 136 -6.02 4.17 -15.84
CA TYR A 136 -7.00 3.27 -15.28
C TYR A 136 -7.19 2.22 -16.37
N SER A 137 -6.94 0.94 -16.05
CA SER A 137 -6.86 -0.11 -17.05
C SER A 137 -7.58 -1.37 -16.60
N VAL A 138 -8.03 -2.10 -17.61
CA VAL A 138 -8.61 -3.43 -17.45
C VAL A 138 -7.79 -4.37 -18.33
N LEU A 139 -7.30 -5.48 -17.74
CA LEU A 139 -6.86 -6.65 -18.52
C LEU A 139 -7.91 -7.72 -18.33
N TRP A 140 -8.47 -8.19 -19.43
CA TRP A 140 -9.58 -9.16 -19.45
C TRP A 140 -9.17 -10.29 -20.37
N ASN A 141 -8.94 -11.46 -19.78
CA ASN A 141 -8.67 -12.65 -20.57
C ASN A 141 -9.48 -13.82 -20.01
N MET A 142 -9.27 -15.01 -20.56
CA MET A 142 -10.07 -16.18 -20.17
C MET A 142 -9.81 -16.64 -18.75
N TYR A 143 -8.70 -16.20 -18.15
CA TYR A 143 -8.34 -16.59 -16.80
C TYR A 143 -8.82 -15.63 -15.73
N MET A 144 -8.87 -14.34 -16.06
CA MET A 144 -9.11 -13.34 -15.02
C MET A 144 -9.36 -11.96 -15.63
N ILE A 145 -9.91 -11.11 -14.79
CA ILE A 145 -9.99 -9.67 -15.05
C ILE A 145 -9.17 -8.97 -13.99
N VAL A 146 -8.26 -8.12 -14.42
CA VAL A 146 -7.48 -7.30 -13.50
C VAL A 146 -7.83 -5.80 -13.71
N PHE A 147 -8.10 -5.12 -12.61
CA PHE A 147 -8.31 -3.67 -12.58
C PHE A 147 -7.01 -3.04 -12.09
N LEU A 148 -6.45 -2.11 -12.85
CA LEU A 148 -5.22 -1.46 -12.48
C LEU A 148 -5.37 0.07 -12.42
N VAL A 149 -4.69 0.67 -11.45
CA VAL A 149 -4.51 2.11 -11.34
C VAL A 149 -3.00 2.32 -11.53
N ASP A 150 -2.62 2.97 -12.61
CA ASP A 150 -1.25 3.03 -13.08
C ASP A 150 -0.72 1.60 -13.17
N ASP A 151 0.33 1.26 -12.44
CA ASP A 151 0.84 -0.12 -12.43
C ASP A 151 0.35 -0.93 -11.23
N VAL A 152 -0.54 -0.38 -10.42
CA VAL A 152 -1.07 -1.09 -9.26
C VAL A 152 -2.38 -1.84 -9.51
N PRO A 153 -2.39 -3.16 -9.27
CA PRO A 153 -3.61 -3.90 -9.35
C PRO A 153 -4.44 -3.56 -8.11
N ILE A 154 -5.72 -3.20 -8.30
CA ILE A 154 -6.59 -2.91 -7.17
C ILE A 154 -7.64 -3.98 -6.98
N ARG A 155 -7.76 -4.88 -7.97
CA ARG A 155 -8.73 -5.92 -7.88
C ARG A 155 -8.48 -6.96 -8.95
N VAL A 156 -8.78 -8.20 -8.60
CA VAL A 156 -8.75 -9.28 -9.56
C VAL A 156 -10.04 -10.05 -9.45
N PHE A 157 -10.62 -10.36 -10.59
CA PHE A 157 -11.81 -11.21 -10.63
C PHE A 157 -11.41 -12.40 -11.50
N LYS A 158 -11.18 -13.52 -10.84
CA LYS A 158 -10.75 -14.71 -11.50
C LYS A 158 -11.91 -15.46 -12.11
N ASN A 159 -11.61 -16.18 -13.17
CA ASN A 159 -12.56 -17.13 -13.75
C ASN A 159 -12.67 -18.29 -12.75
N CYS A 160 -13.81 -18.35 -12.06
CA CYS A 160 -14.12 -19.37 -11.06
C CYS A 160 -15.31 -20.23 -11.50
N LYS A 161 -15.40 -20.51 -12.80
CA LYS A 161 -16.49 -21.33 -13.32
C LYS A 161 -16.45 -22.73 -12.69
N ASP A 162 -15.27 -23.20 -12.32
CA ASP A 162 -15.11 -24.47 -11.61
C ASP A 162 -15.79 -24.50 -10.25
N LEU A 163 -15.99 -23.33 -9.63
CA LEU A 163 -16.73 -23.22 -8.37
C LEU A 163 -18.20 -22.84 -8.57
N GLY A 164 -18.64 -22.86 -9.82
CA GLY A 164 -20.00 -22.51 -10.17
C GLY A 164 -20.27 -21.01 -10.29
N VAL A 165 -19.23 -20.18 -10.30
CA VAL A 165 -19.38 -18.73 -10.48
C VAL A 165 -19.25 -18.34 -11.95
N LYS A 166 -20.13 -17.47 -12.41
CA LYS A 166 -20.07 -17.01 -13.79
C LYS A 166 -18.90 -16.02 -13.97
N PHE A 167 -18.48 -15.88 -15.21
CA PHE A 167 -17.37 -15.04 -15.60
C PHE A 167 -17.64 -14.43 -16.98
N PRO A 168 -17.25 -13.16 -17.25
CA PRO A 168 -17.45 -12.58 -18.59
C PRO A 168 -16.63 -13.43 -19.56
N PHE A 169 -17.28 -14.32 -20.25
CA PHE A 169 -16.57 -15.25 -21.05
C PHE A 169 -16.92 -15.29 -22.54
N ASN A 170 -18.17 -15.02 -22.91
CA ASN A 170 -18.49 -15.07 -24.33
C ASN A 170 -19.39 -13.97 -24.86
N GLN A 171 -19.57 -12.93 -24.10
CA GLN A 171 -20.36 -11.83 -24.61
C GLN A 171 -19.42 -10.71 -24.92
N PRO A 172 -19.27 -10.35 -26.22
CA PRO A 172 -18.43 -9.21 -26.58
C PRO A 172 -18.93 -7.96 -25.88
N MET A 173 -18.00 -7.09 -25.51
CA MET A 173 -18.34 -5.88 -24.78
C MET A 173 -17.80 -4.66 -25.50
N LYS A 174 -18.51 -3.56 -25.36
CA LYS A 174 -18.01 -2.25 -25.80
C LYS A 174 -17.45 -1.50 -24.61
N ILE A 175 -16.55 -0.54 -24.85
CA ILE A 175 -16.05 0.32 -23.82
C ILE A 175 -16.85 1.60 -23.82
N TYR A 176 -17.24 2.03 -22.62
CA TYR A 176 -18.08 3.18 -22.36
C TYR A 176 -17.40 4.11 -21.38
N SER A 177 -17.68 5.40 -21.52
CA SER A 177 -17.39 6.33 -20.43
C SER A 177 -18.46 7.39 -20.39
N SER A 178 -18.71 7.91 -19.19
CA SER A 178 -19.72 8.91 -19.00
C SER A 178 -19.53 9.69 -17.73
N LEU A 179 -20.14 10.86 -17.68
CA LEU A 179 -20.15 11.69 -16.51
C LEU A 179 -21.59 12.08 -16.27
N TRP A 180 -22.11 11.76 -15.10
CA TRP A 180 -23.52 11.99 -14.77
C TRP A 180 -23.75 12.16 -13.29
N ASN A 181 -24.91 12.71 -12.96
CA ASN A 181 -25.29 12.88 -11.56
C ASN A 181 -25.89 11.60 -11.00
N ALA A 182 -25.52 11.29 -9.78
CA ALA A 182 -26.07 10.14 -9.09
C ALA A 182 -26.19 10.47 -7.62
N ASP A 183 -27.05 11.42 -7.34
CA ASP A 183 -27.37 11.99 -6.01
C ASP A 183 -27.84 11.01 -4.95
N ASP A 184 -28.59 10.02 -5.39
CA ASP A 184 -29.19 9.02 -4.50
C ASP A 184 -28.16 8.08 -3.89
N TRP A 185 -26.90 8.04 -4.37
CA TRP A 185 -25.98 7.09 -3.74
C TRP A 185 -24.49 7.45 -3.81
N ALA A 186 -24.10 8.39 -4.65
CA ALA A 186 -22.67 8.63 -4.91
C ALA A 186 -21.78 9.07 -3.75
N THR A 187 -22.20 10.12 -3.09
CA THR A 187 -21.42 10.78 -2.04
C THR A 187 -22.04 10.61 -0.65
N ARG A 188 -21.25 10.06 0.25
CA ARG A 188 -21.68 9.74 1.61
C ARG A 188 -22.93 8.89 1.54
N GLY A 189 -22.94 7.90 0.65
CA GLY A 189 -24.04 6.96 0.50
C GLY A 189 -25.36 7.58 0.00
N GLY A 190 -25.29 8.81 -0.46
CA GLY A 190 -26.44 9.52 -0.97
C GLY A 190 -26.80 10.76 -0.13
N LEU A 191 -26.09 10.95 0.99
CA LEU A 191 -26.40 12.07 1.87
C LEU A 191 -25.96 13.43 1.32
N GLU A 192 -24.90 13.48 0.51
CA GLU A 192 -24.42 14.76 -0.06
C GLU A 192 -24.94 14.95 -1.48
N LYS A 193 -25.67 16.03 -1.72
CA LYS A 193 -26.31 16.26 -3.03
C LYS A 193 -25.49 17.21 -3.86
N THR A 194 -25.64 17.12 -5.18
CA THR A 194 -24.88 17.96 -6.06
C THR A 194 -25.29 19.40 -5.86
N ASP A 195 -24.31 20.27 -5.83
CA ASP A 195 -24.52 21.70 -5.79
C ASP A 195 -24.39 22.20 -7.21
N TRP A 196 -25.54 22.32 -7.88
CA TRP A 196 -25.57 22.72 -9.30
C TRP A 196 -25.06 24.11 -9.60
N SER A 197 -24.90 24.94 -8.57
CA SER A 197 -24.24 26.22 -8.75
C SER A 197 -22.75 26.07 -9.00
N LYS A 198 -22.21 24.86 -8.82
CA LYS A 198 -20.79 24.58 -9.07
C LYS A 198 -20.54 23.92 -10.42
N ALA A 199 -21.54 23.89 -11.29
CA ALA A 199 -21.40 23.37 -12.64
C ALA A 199 -20.67 24.40 -13.50
N PRO A 200 -20.01 23.99 -14.59
CA PRO A 200 -19.99 22.61 -15.09
C PRO A 200 -18.96 21.76 -14.37
N PHE A 201 -19.30 20.49 -14.14
CA PHE A 201 -18.35 19.53 -13.61
C PHE A 201 -17.63 18.93 -14.81
N ILE A 202 -16.29 18.94 -14.77
CA ILE A 202 -15.50 18.60 -15.91
C ILE A 202 -14.55 17.45 -15.58
N ALA A 203 -14.70 16.36 -16.32
CA ALA A 203 -13.76 15.23 -16.28
C ALA A 203 -12.96 15.15 -17.56
N SER A 204 -11.68 14.82 -17.43
CA SER A 204 -10.76 14.83 -18.55
C SER A 204 -10.20 13.46 -18.83
N TYR A 205 -10.01 13.21 -20.12
CA TYR A 205 -9.52 11.95 -20.62
C TYR A 205 -8.43 12.10 -21.68
N ARG A 206 -7.47 11.19 -21.65
CA ARG A 206 -6.48 10.99 -22.69
C ARG A 206 -6.23 9.49 -22.93
N SER A 207 -5.43 9.22 -23.95
CA SER A 207 -4.91 7.88 -24.28
C SER A 207 -5.84 7.02 -25.15
N PHE A 208 -7.03 6.69 -24.64
CA PHE A 208 -8.03 6.00 -25.46
C PHE A 208 -7.56 4.68 -26.05
N HIS A 209 -6.75 4.00 -25.27
CA HIS A 209 -6.06 2.78 -25.73
C HIS A 209 -6.98 1.56 -25.70
N ILE A 210 -7.10 0.91 -26.86
CA ILE A 210 -7.76 -0.37 -26.99
C ILE A 210 -6.87 -1.36 -27.74
N ASP A 211 -6.57 -2.47 -27.09
CA ASP A 211 -5.86 -3.59 -27.71
C ASP A 211 -6.68 -4.83 -27.35
N GLY A 212 -7.59 -5.22 -28.22
CA GLY A 212 -8.47 -6.33 -27.93
C GLY A 212 -8.84 -7.22 -29.10
N CYS A 213 -9.49 -8.33 -28.76
CA CYS A 213 -9.94 -9.28 -29.75
C CYS A 213 -11.30 -8.81 -30.29
N GLU A 214 -11.26 -8.13 -31.42
CA GLU A 214 -12.47 -7.60 -32.04
C GLU A 214 -13.48 -8.70 -32.36
N ALA A 215 -14.75 -8.54 -31.92
CA ALA A 215 -15.80 -9.56 -32.07
C ALA A 215 -17.16 -8.88 -32.12
N SER A 216 -17.84 -9.04 -33.23
CA SER A 216 -19.14 -8.44 -33.43
C SER A 216 -20.18 -9.08 -32.51
N VAL A 217 -21.28 -8.37 -32.26
CA VAL A 217 -22.38 -8.95 -31.50
C VAL A 217 -22.88 -10.05 -32.43
N GLU A 218 -22.94 -9.72 -33.73
CA GLU A 218 -23.31 -10.67 -34.79
C GLU A 218 -22.73 -12.06 -34.50
N ALA A 219 -21.40 -12.13 -34.50
CA ALA A 219 -20.67 -13.35 -34.17
C ALA A 219 -19.95 -13.16 -32.83
N LYS A 220 -20.19 -14.04 -31.82
CA LYS A 220 -19.47 -13.94 -30.58
C LYS A 220 -18.17 -14.70 -30.64
N PHE A 221 -17.31 -14.33 -31.58
CA PHE A 221 -15.96 -14.89 -31.60
C PHE A 221 -14.98 -13.95 -32.32
N CYS A 222 -13.72 -14.12 -31.99
CA CYS A 222 -12.58 -13.42 -32.53
C CYS A 222 -11.74 -14.50 -33.15
N ALA A 223 -11.31 -14.31 -34.41
CA ALA A 223 -10.66 -15.39 -35.15
C ALA A 223 -9.23 -15.69 -34.67
N THR A 224 -8.66 -14.80 -33.85
CA THR A 224 -7.32 -14.98 -33.29
C THR A 224 -7.33 -15.34 -31.79
N GLN A 225 -8.43 -15.91 -31.30
CA GLN A 225 -8.60 -16.28 -29.90
C GLN A 225 -7.62 -17.39 -29.48
N GLY A 226 -6.97 -17.19 -28.35
CA GLY A 226 -5.88 -18.05 -27.89
C GLY A 226 -4.50 -17.71 -28.42
N ALA A 227 -4.42 -16.92 -29.50
CA ALA A 227 -3.13 -16.52 -30.10
C ALA A 227 -2.68 -15.12 -29.70
N ARG A 228 -3.35 -14.52 -28.72
CA ARG A 228 -3.05 -13.15 -28.34
C ARG A 228 -2.04 -13.13 -27.22
N TRP A 229 -1.34 -12.00 -27.10
CA TRP A 229 -0.34 -11.89 -26.04
C TRP A 229 -0.92 -12.10 -24.65
N TRP A 230 -2.16 -11.66 -24.41
CA TRP A 230 -2.82 -11.85 -23.11
C TRP A 230 -3.34 -13.28 -22.86
N ASP A 231 -3.24 -14.16 -23.86
CA ASP A 231 -3.63 -15.56 -23.75
C ASP A 231 -2.47 -16.41 -23.34
N GLN A 232 -1.28 -15.84 -23.29
CA GLN A 232 -0.08 -16.59 -22.95
C GLN A 232 -0.02 -16.92 -21.47
N LYS A 233 0.79 -17.91 -21.15
CA LYS A 233 0.97 -18.43 -19.78
C LYS A 233 1.24 -17.39 -18.68
N GLU A 234 2.05 -16.37 -18.99
CA GLU A 234 2.43 -15.34 -18.02
C GLU A 234 1.21 -14.51 -17.52
N PHE A 235 0.11 -14.53 -18.27
CA PHE A 235 -1.09 -13.76 -17.93
C PHE A 235 -2.21 -14.59 -17.34
N GLN A 236 -1.86 -15.77 -16.82
CA GLN A 236 -2.80 -16.64 -16.14
C GLN A 236 -2.99 -16.22 -14.71
N ASP A 237 -2.02 -15.47 -14.19
CA ASP A 237 -2.07 -15.04 -12.81
C ASP A 237 -1.20 -13.81 -12.61
N LEU A 238 -1.47 -13.05 -11.54
CA LEU A 238 -0.57 -12.00 -11.11
C LEU A 238 0.68 -12.66 -10.47
N ASP A 239 1.83 -12.02 -10.60
CA ASP A 239 3.03 -12.48 -9.90
C ASP A 239 3.04 -11.99 -8.44
N ALA A 240 4.02 -12.44 -7.65
CA ALA A 240 4.05 -12.14 -6.21
C ALA A 240 4.14 -10.63 -5.92
N PHE A 241 4.87 -9.90 -6.75
CA PHE A 241 5.01 -8.45 -6.54
C PHE A 241 3.65 -7.74 -6.67
N GLN A 242 2.93 -8.11 -7.72
CA GLN A 242 1.60 -7.57 -7.98
C GLN A 242 0.59 -7.93 -6.89
N TYR A 243 0.69 -9.14 -6.34
CA TYR A 243 -0.18 -9.55 -5.24
C TYR A 243 0.08 -8.81 -3.92
N ARG A 244 1.33 -8.36 -3.74
CA ARG A 244 1.72 -7.62 -2.55
C ARG A 244 1.13 -6.21 -2.64
N ARG A 245 1.23 -5.61 -3.83
CA ARG A 245 0.61 -4.30 -4.09
C ARG A 245 -0.89 -4.39 -3.90
N LEU A 246 -1.50 -5.46 -4.39
CA LEU A 246 -2.94 -5.69 -4.21
C LEU A 246 -3.29 -5.81 -2.72
N SER A 247 -2.48 -6.53 -1.94
CA SER A 247 -2.81 -6.72 -0.53
C SER A 247 -2.74 -5.40 0.23
N TRP A 248 -1.85 -4.55 -0.18
CA TRP A 248 -1.72 -3.24 0.43
C TRP A 248 -3.00 -2.40 0.16
N VAL A 249 -3.50 -2.45 -1.07
CA VAL A 249 -4.75 -1.77 -1.41
C VAL A 249 -5.87 -2.29 -0.53
N ARG A 250 -5.93 -3.62 -0.39
CA ARG A 250 -6.90 -4.27 0.44
C ARG A 250 -6.78 -3.84 1.92
N GLN A 251 -5.57 -3.71 2.42
CA GLN A 251 -5.38 -3.47 3.86
C GLN A 251 -5.50 -2.00 4.25
N LYS A 252 -5.05 -1.10 3.36
CA LYS A 252 -4.90 0.32 3.71
C LYS A 252 -5.88 1.28 2.98
N TYR A 253 -6.34 0.93 1.78
CA TYR A 253 -7.09 1.86 0.93
C TYR A 253 -8.54 1.46 0.68
N THR A 254 -8.96 0.32 1.21
CA THR A 254 -10.30 -0.20 0.95
C THR A 254 -11.27 0.18 2.04
N ILE A 255 -12.34 0.87 1.67
CA ILE A 255 -13.34 1.28 2.62
C ILE A 255 -14.60 0.43 2.54
N TYR A 256 -14.77 -0.31 1.45
CA TYR A 256 -15.91 -1.21 1.29
C TYR A 256 -15.50 -2.36 0.39
N ASN A 257 -15.92 -3.57 0.77
CA ASN A 257 -15.53 -4.76 0.03
C ASN A 257 -16.64 -5.78 0.17
N TYR A 258 -17.33 -6.04 -0.94
CA TYR A 258 -18.49 -6.93 -0.91
C TYR A 258 -18.10 -8.26 -0.27
N CYS A 259 -16.86 -8.68 -0.46
CA CYS A 259 -16.40 -9.98 0.01
C CYS A 259 -16.45 -10.16 1.52
N THR A 260 -16.19 -9.08 2.24
CA THR A 260 -16.14 -9.15 3.69
C THR A 260 -17.36 -8.51 4.30
N ASP A 261 -18.38 -8.23 3.50
CA ASP A 261 -19.62 -7.63 3.97
C ASP A 261 -20.58 -8.76 4.37
N ARG A 262 -20.58 -9.10 5.66
CA ARG A 262 -21.35 -10.25 6.17
C ARG A 262 -22.84 -9.97 6.33
N SER A 263 -23.20 -8.69 6.32
CA SER A 263 -24.59 -8.27 6.34
C SER A 263 -25.32 -8.59 5.03
N ARG A 264 -24.60 -8.43 3.91
CA ARG A 264 -25.16 -8.68 2.57
C ARG A 264 -24.83 -10.10 2.12
N TYR A 265 -23.65 -10.57 2.48
CA TYR A 265 -23.21 -11.91 2.17
C TYR A 265 -22.91 -12.68 3.43
N PRO A 266 -23.96 -13.17 4.09
CA PRO A 266 -23.77 -14.13 5.18
C PRO A 266 -23.07 -15.28 4.51
N SER A 267 -23.74 -15.80 3.49
CA SER A 267 -23.13 -16.72 2.54
C SER A 267 -22.16 -15.88 1.69
N MET A 268 -20.86 -15.99 2.01
CA MET A 268 -19.79 -15.31 1.31
C MET A 268 -19.55 -15.85 -0.14
N PRO A 269 -19.35 -14.96 -1.13
CA PRO A 269 -19.10 -15.37 -2.52
C PRO A 269 -17.85 -16.23 -2.77
N PRO A 270 -17.97 -17.28 -3.59
CA PRO A 270 -16.88 -18.24 -3.82
C PRO A 270 -15.57 -17.69 -4.41
N GLU A 271 -15.66 -16.62 -5.21
CA GLU A 271 -14.49 -16.05 -5.87
C GLU A 271 -13.48 -15.44 -4.91
N CYS A 272 -13.97 -15.02 -3.76
CA CYS A 272 -13.23 -14.13 -2.85
C CYS A 272 -11.86 -14.61 -2.44
N LYS A 273 -11.77 -15.86 -1.96
CA LYS A 273 -10.48 -16.36 -1.49
C LYS A 273 -9.48 -16.39 -2.64
N ARG A 274 -9.94 -16.84 -3.80
CA ARG A 274 -9.10 -16.92 -4.99
C ARG A 274 -8.59 -15.54 -5.48
N ASP A 275 -9.49 -14.56 -5.45
CA ASP A 275 -9.17 -13.17 -5.85
C ASP A 275 -8.30 -12.43 -4.84
N ARG A 276 -8.11 -13.04 -3.67
CA ARG A 276 -7.37 -12.45 -2.55
C ARG A 276 -8.05 -11.17 -2.02
N ASP A 277 -9.38 -11.18 -2.03
CA ASP A 277 -10.22 -10.13 -1.43
C ASP A 277 -10.64 -10.53 -0.01
N ILE A 278 -10.15 -11.68 0.44
CA ILE A 278 -10.53 -12.28 1.73
C ILE A 278 -10.05 -11.46 2.91
N VAL B 15 26.98 2.75 1.82
CA VAL B 15 26.81 2.34 0.45
C VAL B 15 25.56 2.99 -0.17
N ALA B 16 25.29 2.69 -1.44
CA ALA B 16 24.13 3.23 -2.15
C ALA B 16 22.87 2.40 -1.92
N PHE B 17 21.74 3.10 -1.86
CA PHE B 17 20.42 2.51 -1.63
C PHE B 17 20.15 1.30 -2.51
N GLY B 18 20.39 1.51 -3.82
CA GLY B 18 20.15 0.52 -4.88
C GLY B 18 20.84 -0.83 -4.80
N ARG B 19 21.95 -0.88 -4.06
CA ARG B 19 22.68 -2.09 -3.89
C ARG B 19 21.88 -3.14 -3.09
N ASN B 20 21.28 -2.68 -1.99
CA ASN B 20 20.65 -3.57 -1.00
C ASN B 20 19.11 -3.52 -0.95
N TYR B 21 18.51 -2.44 -1.47
CA TYR B 21 17.10 -2.12 -1.22
C TYR B 21 16.29 -1.84 -2.49
N VAL B 22 14.98 -2.02 -2.39
CA VAL B 22 14.02 -1.62 -3.42
C VAL B 22 12.81 -0.96 -2.78
N PRO B 23 12.14 -0.06 -3.51
CA PRO B 23 10.93 0.58 -2.98
C PRO B 23 9.82 -0.43 -2.79
N THR B 24 8.96 -0.15 -1.82
CA THR B 24 7.84 -1.02 -1.46
C THR B 24 6.55 -0.46 -2.05
N TRP B 25 6.35 0.84 -1.88
CA TRP B 25 5.10 1.51 -2.19
C TRP B 25 5.36 2.97 -2.47
N ALA B 26 4.60 3.56 -3.39
CA ALA B 26 4.65 4.98 -3.67
C ALA B 26 6.07 5.37 -4.02
N PHE B 27 6.53 4.83 -5.15
CA PHE B 27 7.91 4.97 -5.60
C PHE B 27 8.29 6.43 -5.77
N ASP B 28 7.32 7.25 -6.17
CA ASP B 28 7.57 8.66 -6.44
C ASP B 28 7.70 9.49 -5.16
N HIS B 29 7.46 8.87 -3.99
CA HIS B 29 7.65 9.54 -2.72
C HIS B 29 9.00 9.27 -2.08
N ILE B 30 9.85 8.53 -2.78
CA ILE B 30 11.23 8.34 -2.41
C ILE B 30 12.08 9.22 -3.33
N LYS B 31 12.76 10.20 -2.77
CA LYS B 31 13.64 11.09 -3.53
C LYS B 31 15.08 10.67 -3.30
N TYR B 32 15.87 10.56 -4.38
CA TYR B 32 17.24 10.05 -4.32
C TYR B 32 18.25 11.18 -4.48
N PHE B 33 19.28 11.18 -3.63
CA PHE B 33 20.33 12.22 -3.64
C PHE B 33 21.69 11.55 -3.69
N ASN B 34 22.66 12.20 -4.33
CA ASN B 34 24.04 11.73 -4.35
C ASN B 34 24.20 10.28 -4.82
N GLY B 35 23.45 9.91 -5.86
CA GLY B 35 23.56 8.59 -6.45
C GLY B 35 22.86 7.49 -5.66
N GLY B 36 21.88 7.89 -4.86
CA GLY B 36 21.24 7.00 -3.91
C GLY B 36 22.02 6.79 -2.61
N ASN B 37 23.02 7.63 -2.35
CA ASN B 37 23.71 7.55 -1.07
C ASN B 37 22.90 8.20 0.04
N GLU B 38 21.92 9.02 -0.32
CA GLU B 38 20.92 9.54 0.63
C GLU B 38 19.55 9.56 -0.01
N ILE B 39 18.53 9.11 0.73
CA ILE B 39 17.18 9.19 0.25
C ILE B 39 16.30 9.91 1.25
N GLN B 40 15.24 10.51 0.75
CA GLN B 40 14.20 11.06 1.58
C GLN B 40 12.93 10.30 1.28
N LEU B 41 12.20 9.99 2.34
CA LEU B 41 10.87 9.45 2.27
C LEU B 41 9.89 10.59 2.58
N HIS B 42 8.89 10.74 1.71
CA HIS B 42 7.85 11.73 1.84
C HIS B 42 6.50 11.12 2.22
N LEU B 43 5.80 11.76 3.13
CA LEU B 43 4.46 11.39 3.55
C LEU B 43 3.51 12.58 3.40
N ASP B 44 2.37 12.34 2.76
CA ASP B 44 1.25 13.29 2.68
C ASP B 44 -0.06 12.57 2.98
N LYS B 45 -1.18 13.27 2.94
CA LYS B 45 -2.43 12.66 3.38
C LYS B 45 -2.91 11.52 2.48
N TYR B 46 -2.33 11.40 1.29
CA TYR B 46 -2.74 10.34 0.36
C TYR B 46 -1.96 9.07 0.57
N THR B 47 -0.68 9.21 0.90
CA THR B 47 0.15 8.05 1.10
C THR B 47 1.44 8.36 1.82
N GLY B 48 1.96 7.33 2.48
CA GLY B 48 3.34 7.24 2.91
C GLY B 48 4.16 6.43 1.92
N THR B 49 5.32 5.96 2.35
CA THR B 49 6.16 5.21 1.47
C THR B 49 7.12 4.38 2.29
N GLY B 50 7.86 3.53 1.63
CA GLY B 50 8.85 2.70 2.29
C GLY B 50 9.66 1.89 1.31
N PHE B 51 10.60 1.14 1.84
CA PHE B 51 11.49 0.29 1.07
C PHE B 51 11.84 -0.98 1.85
N GLN B 52 12.47 -1.93 1.17
CA GLN B 52 12.79 -3.22 1.75
C GLN B 52 14.02 -3.81 1.10
N SER B 53 14.70 -4.65 1.83
CA SER B 53 15.91 -5.28 1.34
C SER B 53 15.53 -6.28 0.24
N LYS B 54 16.44 -6.45 -0.69
CA LYS B 54 16.30 -7.46 -1.74
C LYS B 54 16.39 -8.84 -1.11
N GLY B 55 17.31 -9.02 -0.18
CA GLY B 55 17.55 -10.30 0.44
C GLY B 55 16.81 -10.49 1.76
N SER B 56 16.78 -11.72 2.22
CA SER B 56 16.36 -12.08 3.58
C SER B 56 17.56 -12.59 4.32
N TYR B 57 17.57 -12.44 5.65
CA TYR B 57 18.75 -12.71 6.47
C TYR B 57 18.39 -13.46 7.72
N LEU B 58 19.29 -14.32 8.16
CA LEU B 58 19.21 -14.93 9.47
C LEU B 58 20.48 -14.61 10.21
N PHE B 59 20.38 -13.66 11.15
CA PHE B 59 21.49 -13.11 11.92
C PHE B 59 22.30 -12.08 11.16
N GLY B 60 22.90 -11.16 11.90
CA GLY B 60 23.72 -10.14 11.31
C GLY B 60 23.75 -8.81 12.00
N HIS B 61 24.35 -7.84 11.33
CA HIS B 61 24.49 -6.48 11.77
C HIS B 61 23.88 -5.57 10.72
N PHE B 62 22.87 -4.81 11.12
CA PHE B 62 22.04 -4.00 10.22
C PHE B 62 22.03 -2.59 10.75
N SER B 63 22.35 -1.63 9.91
CA SER B 63 22.46 -0.25 10.35
C SER B 63 21.93 0.70 9.31
N MET B 64 21.31 1.74 9.78
CA MET B 64 20.85 2.83 8.97
C MET B 64 21.19 4.15 9.64
N GLN B 65 21.68 5.12 8.85
CA GLN B 65 21.78 6.48 9.34
C GLN B 65 20.47 7.19 9.02
N MET B 66 19.85 7.83 9.99
CA MET B 66 18.58 8.48 9.82
C MET B 66 18.53 9.86 10.47
N LYS B 67 17.82 10.75 9.80
CA LYS B 67 17.49 12.05 10.29
C LYS B 67 16.00 12.21 10.16
N LEU B 68 15.36 12.48 11.29
CA LEU B 68 13.92 12.39 11.41
C LEU B 68 13.17 13.63 10.92
N VAL B 69 11.85 13.57 10.99
CA VAL B 69 11.00 14.63 10.43
C VAL B 69 11.07 15.91 11.26
N PRO B 70 11.52 17.03 10.67
CA PRO B 70 11.64 18.30 11.41
C PRO B 70 10.30 18.97 11.63
N GLY B 71 10.28 19.96 12.53
CA GLY B 71 9.07 20.74 12.78
C GLY B 71 7.96 19.93 13.39
N ASP B 72 6.74 20.12 12.89
CA ASP B 72 5.60 19.34 13.34
C ASP B 72 5.66 17.98 12.64
N SER B 73 5.85 16.94 13.45
CA SER B 73 5.85 15.56 12.99
C SER B 73 4.77 14.75 13.72
N ALA B 74 3.82 15.41 14.39
CA ALA B 74 2.84 14.70 15.20
C ALA B 74 2.03 13.73 14.36
N GLY B 75 1.73 12.59 14.96
CA GLY B 75 0.98 11.53 14.32
C GLY B 75 1.78 10.67 13.35
N THR B 76 3.03 11.00 13.05
CA THR B 76 3.80 10.21 12.10
C THR B 76 4.70 9.17 12.76
N VAL B 77 4.92 8.08 12.05
CA VAL B 77 5.83 7.02 12.50
C VAL B 77 6.83 6.77 11.39
N THR B 78 8.11 6.91 11.72
CA THR B 78 9.19 6.51 10.86
C THR B 78 9.75 5.21 11.41
N ALA B 79 9.73 4.17 10.60
CA ALA B 79 10.08 2.82 11.03
C ALA B 79 11.29 2.29 10.32
N PHE B 80 12.14 1.58 11.06
CA PHE B 80 13.27 0.84 10.53
C PHE B 80 13.22 -0.48 11.26
N TYR B 81 12.95 -1.59 10.57
CA TYR B 81 12.71 -2.84 11.25
C TYR B 81 13.07 -4.05 10.41
N LEU B 82 13.21 -5.19 11.06
CA LEU B 82 13.36 -6.48 10.41
C LEU B 82 12.11 -7.27 10.68
N SER B 83 11.65 -8.02 9.70
CA SER B 83 10.48 -8.88 9.88
C SER B 83 10.51 -10.10 8.96
N SER B 84 9.97 -11.22 9.44
CA SER B 84 9.75 -12.43 8.62
C SER B 84 8.37 -12.35 7.93
N GLN B 85 7.77 -13.39 7.37
CA GLN B 85 6.59 -13.04 6.56
C GLN B 85 5.34 -13.80 6.94
N ASN B 86 5.44 -14.57 8.03
CA ASN B 86 4.38 -15.49 8.43
C ASN B 86 3.45 -15.04 9.53
N SER B 87 2.48 -15.90 9.71
CA SER B 87 1.39 -15.71 10.65
C SER B 87 1.89 -15.64 12.10
N GLU B 88 3.02 -16.25 12.35
CA GLU B 88 3.68 -16.23 13.66
C GLU B 88 5.05 -15.72 13.39
N HIS B 89 5.06 -14.55 12.82
CA HIS B 89 6.25 -13.87 12.40
C HIS B 89 7.11 -13.36 13.56
N ASP B 90 8.38 -13.17 13.26
CA ASP B 90 9.38 -12.59 14.16
C ASP B 90 9.65 -11.18 13.61
N GLU B 91 9.95 -10.26 14.49
CA GLU B 91 10.12 -8.87 14.06
C GLU B 91 10.92 -8.09 15.11
N ILE B 92 11.80 -7.21 14.63
CA ILE B 92 12.63 -6.37 15.50
C ILE B 92 12.41 -4.93 15.01
N ASP B 93 11.88 -4.03 15.85
CA ASP B 93 11.41 -2.71 15.40
C ASP B 93 12.08 -1.53 16.07
N PHE B 94 12.48 -0.53 15.26
CA PHE B 94 12.66 0.86 15.67
C PHE B 94 11.46 1.62 15.06
N GLU B 95 10.71 2.35 15.88
CA GLU B 95 9.61 3.20 15.41
C GLU B 95 9.71 4.56 16.08
N PHE B 96 9.98 5.58 15.28
CA PHE B 96 10.19 6.94 15.74
C PHE B 96 8.84 7.65 15.65
N LEU B 97 8.30 8.02 16.82
CA LEU B 97 7.02 8.67 16.97
C LEU B 97 7.20 10.17 17.04
N GLY B 98 6.63 10.89 16.08
CA GLY B 98 6.82 12.34 16.00
C GLY B 98 6.02 13.16 16.99
N ASN B 99 6.16 14.48 16.91
CA ASN B 99 5.51 15.35 17.86
C ASN B 99 5.24 16.72 17.26
N ARG B 100 4.41 17.47 17.97
CA ARG B 100 4.19 18.88 17.68
C ARG B 100 5.53 19.59 17.74
N THR B 101 5.62 20.73 17.07
CA THR B 101 6.88 21.45 16.91
C THR B 101 7.49 21.76 18.28
N GLY B 102 8.79 21.60 18.38
CA GLY B 102 9.52 21.84 19.62
C GLY B 102 9.36 20.81 20.73
N GLN B 103 8.57 19.75 20.50
CA GLN B 103 8.30 18.73 21.50
C GLN B 103 9.03 17.44 21.10
N PRO B 104 9.44 16.65 22.07
CA PRO B 104 10.39 15.56 21.78
C PRO B 104 9.84 14.34 21.03
N TYR B 105 10.65 13.84 20.10
CA TYR B 105 10.43 12.53 19.50
C TYR B 105 10.52 11.45 20.54
N ILE B 106 9.77 10.36 20.35
CA ILE B 106 10.02 9.11 21.05
C ILE B 106 10.62 8.09 20.11
N LEU B 107 11.57 7.32 20.60
CA LEU B 107 12.03 6.13 19.90
C LEU B 107 11.45 4.94 20.62
N GLN B 108 10.50 4.28 19.95
CA GLN B 108 9.92 3.04 20.41
C GLN B 108 10.63 1.84 19.80
N THR B 109 10.95 0.85 20.62
CA THR B 109 11.42 -0.44 20.11
C THR B 109 10.43 -1.52 20.52
N ASN B 110 10.45 -2.61 19.79
CA ASN B 110 9.55 -3.74 20.05
C ASN B 110 10.19 -4.99 19.48
N VAL B 111 9.76 -6.15 19.99
CA VAL B 111 10.24 -7.43 19.54
C VAL B 111 9.04 -8.38 19.48
N PHE B 112 8.83 -8.97 18.31
CA PHE B 112 7.81 -10.01 18.11
C PHE B 112 8.54 -11.34 17.97
N THR B 113 8.00 -12.39 18.64
CA THR B 113 8.49 -13.75 18.53
C THR B 113 7.26 -14.63 18.36
N GLY B 114 7.21 -15.37 17.26
CA GLY B 114 6.11 -16.28 17.01
C GLY B 114 4.78 -15.59 16.90
N GLY B 115 4.78 -14.38 16.34
CA GLY B 115 3.60 -13.59 16.12
C GLY B 115 3.22 -12.75 17.32
N LYS B 116 3.90 -12.93 18.43
CA LYS B 116 3.58 -12.22 19.67
C LYS B 116 4.60 -11.12 19.98
N GLY B 117 4.09 -9.89 20.07
CA GLY B 117 4.86 -8.73 20.45
C GLY B 117 4.54 -8.23 21.84
N ASP B 118 3.99 -7.02 21.92
CA ASP B 118 3.63 -6.40 23.18
C ASP B 118 4.84 -6.22 24.08
N ARG B 119 5.98 -5.85 23.47
CA ARG B 119 7.21 -5.65 24.23
C ARG B 119 7.79 -4.24 23.94
N GLU B 120 6.90 -3.25 23.91
CA GLU B 120 7.25 -1.87 23.65
C GLU B 120 8.12 -1.30 24.77
N GLN B 121 9.18 -0.60 24.36
CA GLN B 121 9.89 0.30 25.21
C GLN B 121 9.96 1.64 24.49
N ARG B 122 9.90 2.72 25.23
CA ARG B 122 9.92 4.05 24.64
C ARG B 122 10.96 4.87 25.36
N ILE B 123 11.86 5.47 24.60
CA ILE B 123 12.83 6.39 25.16
C ILE B 123 12.76 7.73 24.47
N TYR B 124 13.21 8.78 25.16
CA TYR B 124 13.62 10.01 24.53
C TYR B 124 15.09 9.86 24.15
N LEU B 125 15.55 10.71 23.26
CA LEU B 125 16.94 10.69 22.83
C LEU B 125 17.74 11.83 23.49
N TRP B 126 19.04 11.67 23.50
CA TRP B 126 20.00 12.60 24.12
C TRP B 126 20.54 13.60 23.12
N PHE B 127 19.74 13.86 22.08
CA PHE B 127 20.06 14.79 20.98
C PHE B 127 18.74 15.05 20.24
N ASP B 128 18.73 16.05 19.36
CA ASP B 128 17.58 16.32 18.50
C ASP B 128 17.75 15.44 17.26
N PRO B 129 16.92 14.40 17.09
CA PRO B 129 17.11 13.45 16.00
C PRO B 129 16.70 14.02 14.65
N THR B 130 16.12 15.21 14.64
CA THR B 130 15.78 15.91 13.37
C THR B 130 16.89 16.83 12.84
N LYS B 131 17.92 17.08 13.63
CA LYS B 131 18.93 18.09 13.28
C LYS B 131 20.14 17.50 12.59
N GLU B 132 20.42 16.21 12.82
CA GLU B 132 21.55 15.54 12.22
C GLU B 132 21.26 14.05 12.02
N PHE B 133 22.02 13.41 11.15
CA PHE B 133 21.97 11.96 11.00
C PHE B 133 22.64 11.25 12.18
N HIS B 134 21.98 10.22 12.70
CA HIS B 134 22.56 9.30 13.66
C HIS B 134 22.42 7.87 13.16
N TYR B 135 23.25 6.97 13.69
CA TYR B 135 23.19 5.58 13.36
C TYR B 135 22.18 4.84 14.27
N TYR B 136 21.36 4.03 13.66
CA TYR B 136 20.43 3.13 14.38
C TYR B 136 20.72 1.75 13.85
N SER B 137 20.99 0.81 14.75
CA SER B 137 21.52 -0.46 14.36
C SER B 137 21.00 -1.60 15.23
N VAL B 138 20.95 -2.78 14.63
CA VAL B 138 20.58 -4.01 15.24
C VAL B 138 21.71 -5.01 15.09
N LEU B 139 22.14 -5.61 16.19
CA LEU B 139 22.99 -6.80 16.14
C LEU B 139 22.15 -7.99 16.55
N TRP B 140 22.09 -9.00 15.70
CA TRP B 140 21.22 -10.15 15.90
C TRP B 140 22.05 -11.41 15.72
N ASN B 141 22.28 -12.13 16.81
CA ASN B 141 22.90 -13.47 16.76
C ASN B 141 22.10 -14.45 17.58
N MET B 142 22.61 -15.67 17.74
CA MET B 142 21.84 -16.72 18.41
C MET B 142 21.68 -16.46 19.91
N TYR B 143 22.53 -15.59 20.46
CA TYR B 143 22.54 -15.24 21.89
C TYR B 143 21.64 -14.07 22.30
N MET B 144 21.52 -13.08 21.42
CA MET B 144 20.86 -11.83 21.76
C MET B 144 20.58 -10.96 20.55
N ILE B 145 19.70 -10.01 20.75
CA ILE B 145 19.44 -8.92 19.83
C ILE B 145 19.77 -7.63 20.58
N VAL B 146 20.66 -6.82 20.04
CA VAL B 146 21.00 -5.53 20.63
C VAL B 146 20.54 -4.39 19.69
N PHE B 147 19.87 -3.42 20.26
CA PHE B 147 19.43 -2.21 19.59
C PHE B 147 20.41 -1.11 19.99
N LEU B 148 21.01 -0.44 19.02
CA LEU B 148 21.95 0.63 19.31
C LEU B 148 21.60 1.92 18.63
N VAL B 149 21.84 3.02 19.32
CA VAL B 149 21.74 4.37 18.79
C VAL B 149 23.18 4.88 18.85
N ASP B 150 23.75 5.19 17.69
CA ASP B 150 25.19 5.36 17.57
C ASP B 150 25.93 4.22 18.26
N ASP B 151 26.76 4.47 19.26
CA ASP B 151 27.43 3.38 19.99
C ASP B 151 26.74 2.94 21.29
N VAL B 152 25.60 3.53 21.56
CA VAL B 152 24.89 3.27 22.80
C VAL B 152 23.88 2.16 22.69
N PRO B 153 23.97 1.08 23.46
CA PRO B 153 22.92 0.07 23.43
C PRO B 153 21.73 0.62 24.21
N ILE B 154 20.56 0.61 23.58
CA ILE B 154 19.36 1.09 24.24
C ILE B 154 18.47 -0.04 24.73
N ARG B 155 18.80 -1.23 24.26
CA ARG B 155 18.02 -2.37 24.58
C ARG B 155 18.73 -3.66 24.18
N VAL B 156 18.55 -4.71 25.01
CA VAL B 156 19.04 -6.05 24.67
C VAL B 156 17.89 -7.04 24.90
N PHE B 157 17.68 -7.94 23.93
CA PHE B 157 16.69 -8.99 24.07
C PHE B 157 17.45 -10.30 23.95
N LYS B 158 17.61 -10.99 25.07
CA LYS B 158 18.40 -12.20 25.11
C LYS B 158 17.59 -13.42 24.74
N ASN B 159 18.28 -14.42 24.23
CA ASN B 159 17.68 -15.69 23.90
C ASN B 159 17.50 -16.45 25.22
N CYS B 160 16.25 -16.50 25.67
CA CYS B 160 15.89 -17.03 26.99
C CYS B 160 15.09 -18.32 26.83
N LYS B 161 15.52 -19.16 25.88
CA LYS B 161 14.87 -20.45 25.61
C LYS B 161 14.75 -21.27 26.90
N ASP B 162 15.76 -21.21 27.76
CA ASP B 162 15.75 -21.98 29.01
C ASP B 162 14.70 -21.49 30.02
N LEU B 163 14.26 -20.24 29.86
CA LEU B 163 13.17 -19.70 30.68
C LEU B 163 11.83 -19.80 30.01
N GLY B 164 11.77 -20.50 28.88
CA GLY B 164 10.53 -20.69 28.14
C GLY B 164 10.12 -19.56 27.22
N VAL B 165 11.02 -18.59 26.99
CA VAL B 165 10.74 -17.48 26.06
C VAL B 165 11.28 -17.76 24.63
N LYS B 166 10.46 -17.46 23.64
CA LYS B 166 10.87 -17.60 22.24
C LYS B 166 11.88 -16.51 21.87
N PHE B 167 12.59 -16.74 20.77
CA PHE B 167 13.61 -15.85 20.29
C PHE B 167 13.71 -16.01 18.79
N PRO B 168 13.95 -14.95 18.02
CA PRO B 168 14.06 -15.09 16.56
C PRO B 168 15.33 -15.86 16.16
N PHE B 169 15.16 -17.14 15.77
CA PHE B 169 16.33 -17.95 15.44
C PHE B 169 16.22 -18.76 14.17
N ASN B 170 14.99 -19.05 13.73
CA ASN B 170 14.84 -19.83 12.51
C ASN B 170 13.91 -19.22 11.39
N GLN B 171 13.56 -17.94 11.44
CA GLN B 171 12.72 -17.35 10.42
C GLN B 171 13.49 -16.19 9.73
N PRO B 172 14.04 -16.37 8.53
CA PRO B 172 14.77 -15.28 7.88
C PRO B 172 13.92 -14.01 7.75
N MET B 173 14.56 -12.87 8.02
CA MET B 173 13.84 -11.61 7.95
C MET B 173 14.41 -10.68 6.87
N LYS B 174 13.53 -9.87 6.28
CA LYS B 174 13.91 -8.76 5.43
C LYS B 174 13.99 -7.49 6.27
N ILE B 175 14.74 -6.53 5.77
CA ILE B 175 14.88 -5.23 6.40
C ILE B 175 13.90 -4.29 5.69
N TYR B 176 13.15 -3.54 6.48
CA TYR B 176 12.16 -2.61 5.99
C TYR B 176 12.36 -1.24 6.58
N SER B 177 12.01 -0.21 5.82
CA SER B 177 11.78 1.09 6.41
C SER B 177 10.56 1.72 5.80
N SER B 178 9.91 2.57 6.57
CA SER B 178 8.71 3.23 6.10
C SER B 178 8.38 4.49 6.90
N LEU B 179 7.52 5.29 6.33
CA LEU B 179 7.06 6.52 6.90
C LEU B 179 5.56 6.57 6.63
N TRP B 180 4.77 6.57 7.70
CA TRP B 180 3.33 6.45 7.62
C TRP B 180 2.66 7.19 8.76
N ASN B 181 1.38 7.46 8.60
CA ASN B 181 0.58 8.07 9.66
C ASN B 181 0.01 7.06 10.64
N ALA B 182 -0.01 7.42 11.92
CA ALA B 182 -0.59 6.56 12.92
C ALA B 182 -1.20 7.44 14.00
N ASP B 183 -2.19 8.23 13.56
CA ASP B 183 -2.95 9.15 14.39
C ASP B 183 -3.50 8.55 15.68
N ASP B 184 -3.84 7.28 15.62
CA ASP B 184 -4.54 6.61 16.72
C ASP B 184 -3.65 6.29 17.92
N TRP B 185 -2.33 6.31 17.77
CA TRP B 185 -1.47 5.96 18.89
C TRP B 185 -0.12 6.66 19.00
N ALA B 186 0.34 7.29 17.93
CA ALA B 186 1.74 7.70 17.85
C ALA B 186 2.11 8.82 18.83
N THR B 187 1.34 9.89 18.84
CA THR B 187 1.73 11.09 19.58
C THR B 187 0.82 11.37 20.77
N ARG B 188 1.41 11.43 21.97
CA ARG B 188 0.67 11.55 23.20
C ARG B 188 -0.36 10.45 23.29
N GLY B 189 0.07 9.24 22.94
CA GLY B 189 -0.76 8.05 23.01
C GLY B 189 -1.96 8.05 22.06
N GLY B 190 -2.00 8.98 21.12
CA GLY B 190 -3.10 9.08 20.17
C GLY B 190 -3.88 10.38 20.28
N LEU B 191 -3.53 11.25 21.24
CA LEU B 191 -4.26 12.51 21.44
C LEU B 191 -3.90 13.60 20.44
N GLU B 192 -2.69 13.58 19.91
CA GLU B 192 -2.28 14.57 18.93
C GLU B 192 -2.33 14.00 17.52
N LYS B 193 -3.19 14.58 16.70
CA LYS B 193 -3.47 14.11 15.36
C LYS B 193 -2.62 14.88 14.37
N THR B 194 -2.29 14.25 13.25
CA THR B 194 -1.49 14.86 12.21
C THR B 194 -2.21 16.06 11.61
N ASP B 195 -1.46 17.12 11.42
CA ASP B 195 -1.91 18.33 10.76
C ASP B 195 -1.44 18.24 9.33
N TRP B 196 -2.36 17.81 8.46
CA TRP B 196 -2.00 17.55 7.09
C TRP B 196 -1.60 18.79 6.32
N SER B 197 -1.92 19.96 6.85
CA SER B 197 -1.45 21.23 6.29
C SER B 197 0.06 21.43 6.43
N LYS B 198 0.71 20.63 7.29
CA LYS B 198 2.16 20.66 7.45
C LYS B 198 2.94 19.59 6.64
N ALA B 199 2.24 18.87 5.76
CA ALA B 199 2.86 17.97 4.79
C ALA B 199 3.60 18.76 3.73
N PRO B 200 4.66 18.20 3.14
CA PRO B 200 5.06 16.78 3.26
C PRO B 200 5.98 16.57 4.46
N PHE B 201 5.78 15.46 5.15
CA PHE B 201 6.65 15.04 6.23
C PHE B 201 7.78 14.23 5.62
N ILE B 202 9.02 14.63 5.90
CA ILE B 202 10.17 14.07 5.25
C ILE B 202 11.15 13.47 6.24
N ALA B 203 11.43 12.19 6.08
CA ALA B 203 12.48 11.46 6.83
C ALA B 203 13.60 11.15 5.88
N SER B 204 14.84 11.25 6.35
CA SER B 204 16.02 11.07 5.52
C SER B 204 16.87 9.90 5.98
N TYR B 205 17.46 9.22 5.02
CA TYR B 205 18.22 7.99 5.22
C TYR B 205 19.54 7.99 4.46
N ARG B 206 20.55 7.43 5.13
CA ARG B 206 21.88 7.15 4.57
C ARG B 206 22.44 5.82 5.07
N SER B 207 23.58 5.44 4.49
CA SER B 207 24.36 4.26 4.87
C SER B 207 23.86 2.92 4.33
N PHE B 208 22.65 2.49 4.68
CA PHE B 208 22.04 1.32 4.05
C PHE B 208 22.92 0.10 4.24
N HIS B 209 23.49 0.02 5.45
CA HIS B 209 24.44 -1.02 5.76
C HIS B 209 23.76 -2.36 6.09
N ILE B 210 24.12 -3.40 5.34
CA ILE B 210 23.75 -4.77 5.66
C ILE B 210 24.96 -5.70 5.70
N ASP B 211 25.15 -6.38 6.82
CA ASP B 211 26.18 -7.39 6.98
C ASP B 211 25.52 -8.54 7.69
N GLY B 212 24.92 -9.42 6.92
CA GLY B 212 24.13 -10.48 7.49
C GLY B 212 24.32 -11.76 6.77
N CYS B 213 23.84 -12.82 7.38
CA CYS B 213 23.86 -14.12 6.72
C CYS B 213 22.62 -14.27 5.83
N GLU B 214 22.82 -14.18 4.51
CA GLU B 214 21.72 -14.31 3.56
C GLU B 214 21.15 -15.70 3.66
N ALA B 215 19.82 -15.76 3.67
CA ALA B 215 19.12 -17.02 3.74
C ALA B 215 17.82 -16.91 2.96
N SER B 216 17.48 -17.96 2.22
CA SER B 216 16.21 -17.96 1.49
C SER B 216 15.06 -17.91 2.49
N VAL B 217 13.92 -17.34 2.05
CA VAL B 217 12.82 -17.15 2.99
C VAL B 217 12.35 -18.44 3.68
N GLU B 218 12.53 -19.57 3.02
CA GLU B 218 12.08 -20.85 3.60
C GLU B 218 13.13 -21.57 4.44
N ALA B 219 14.36 -21.05 4.50
CA ALA B 219 15.43 -21.67 5.29
C ALA B 219 15.17 -21.53 6.79
N LYS B 220 15.64 -22.50 7.57
CA LYS B 220 15.44 -22.48 9.03
C LYS B 220 16.76 -22.32 9.78
N PHE B 221 17.85 -22.16 9.03
CA PHE B 221 19.18 -21.94 9.64
C PHE B 221 20.12 -21.18 8.71
N CYS B 222 21.17 -20.62 9.30
CA CYS B 222 22.21 -19.89 8.61
C CYS B 222 23.32 -20.89 8.33
N ALA B 223 23.70 -21.01 7.07
CA ALA B 223 24.68 -22.04 6.67
C ALA B 223 26.10 -21.82 7.24
N THR B 224 26.39 -20.60 7.66
CA THR B 224 27.67 -20.24 8.25
C THR B 224 27.56 -19.96 9.75
N GLN B 225 26.52 -20.51 10.38
CA GLN B 225 26.29 -20.37 11.81
C GLN B 225 27.52 -20.78 12.59
N GLY B 226 28.04 -19.85 13.40
CA GLY B 226 29.12 -20.16 14.31
C GLY B 226 30.45 -19.61 13.85
N ALA B 227 30.52 -19.25 12.58
CA ALA B 227 31.76 -18.78 11.95
C ALA B 227 31.77 -17.30 11.66
N ARG B 228 30.61 -16.63 11.78
CA ARG B 228 30.52 -15.21 11.54
C ARG B 228 31.17 -14.44 12.69
N TRP B 229 31.58 -13.22 12.43
CA TRP B 229 32.22 -12.44 13.48
C TRP B 229 31.31 -12.20 14.67
N TRP B 230 30.00 -12.09 14.40
CA TRP B 230 29.01 -11.86 15.46
C TRP B 230 28.70 -13.12 16.26
N ASP B 231 29.23 -14.27 15.82
CA ASP B 231 29.11 -15.50 16.58
C ASP B 231 30.26 -15.74 17.55
N GLN B 232 31.27 -14.89 17.54
CA GLN B 232 32.47 -15.13 18.37
C GLN B 232 32.20 -14.73 19.82
N LYS B 233 33.07 -15.16 20.73
CA LYS B 233 32.78 -15.08 22.15
C LYS B 233 32.48 -13.65 22.61
N GLU B 234 33.19 -12.68 22.06
CA GLU B 234 33.05 -11.28 22.44
C GLU B 234 31.63 -10.71 22.16
N PHE B 235 30.85 -11.39 21.31
CA PHE B 235 29.49 -10.93 20.95
C PHE B 235 28.39 -11.81 21.53
N GLN B 236 28.75 -12.70 22.42
CA GLN B 236 27.78 -13.48 23.15
C GLN B 236 27.08 -12.67 24.23
N ASP B 237 27.65 -11.53 24.62
CA ASP B 237 27.04 -10.67 25.63
C ASP B 237 27.61 -9.27 25.52
N LEU B 238 26.88 -8.32 26.09
CA LEU B 238 27.41 -6.98 26.20
C LEU B 238 28.55 -7.01 27.22
N ASP B 239 29.47 -6.08 27.09
CA ASP B 239 30.56 -5.94 28.06
C ASP B 239 30.14 -4.96 29.15
N ALA B 240 30.96 -4.86 30.19
CA ALA B 240 30.55 -4.10 31.38
C ALA B 240 30.28 -2.64 31.04
N PHE B 241 31.09 -2.06 30.15
CA PHE B 241 30.90 -0.67 29.76
C PHE B 241 29.58 -0.45 29.00
N GLN B 242 29.29 -1.33 28.06
CA GLN B 242 28.01 -1.28 27.32
C GLN B 242 26.83 -1.37 28.28
N TYR B 243 26.95 -2.22 29.30
CA TYR B 243 25.89 -2.34 30.28
C TYR B 243 25.70 -1.05 31.10
N ARG B 244 26.79 -0.30 31.34
CA ARG B 244 26.68 0.96 32.07
C ARG B 244 25.97 1.98 31.21
N ARG B 245 26.27 2.01 29.92
CA ARG B 245 25.57 2.93 29.05
C ARG B 245 24.07 2.59 28.94
N LEU B 246 23.77 1.31 28.83
CA LEU B 246 22.38 0.84 28.80
C LEU B 246 21.64 1.25 30.09
N SER B 247 22.35 1.20 31.22
CA SER B 247 21.73 1.61 32.49
C SER B 247 21.38 3.11 32.49
N TRP B 248 22.21 3.97 31.91
CA TRP B 248 21.88 5.37 31.78
C TRP B 248 20.61 5.55 30.95
N VAL B 249 20.47 4.77 29.86
CA VAL B 249 19.27 4.85 29.04
C VAL B 249 18.05 4.42 29.86
N ARG B 250 18.21 3.34 30.63
CA ARG B 250 17.10 2.78 31.42
C ARG B 250 16.67 3.73 32.53
N GLN B 251 17.64 4.43 33.11
CA GLN B 251 17.35 5.27 34.29
C GLN B 251 16.98 6.72 33.97
N LYS B 252 17.51 7.27 32.87
CA LYS B 252 17.32 8.68 32.56
C LYS B 252 16.46 8.98 31.32
N TYR B 253 16.36 8.04 30.38
CA TYR B 253 15.70 8.33 29.08
C TYR B 253 14.46 7.49 28.80
N THR B 254 14.12 6.56 29.68
CA THR B 254 13.04 5.65 29.39
C THR B 254 11.74 6.17 29.96
N ILE B 255 10.73 6.33 29.10
CA ILE B 255 9.43 6.80 29.53
C ILE B 255 8.36 5.75 29.53
N TYR B 256 8.58 4.62 28.88
CA TYR B 256 7.71 3.45 28.97
C TYR B 256 8.54 2.21 28.85
N ASN B 257 8.26 1.22 29.69
CA ASN B 257 8.99 -0.04 29.62
C ASN B 257 7.99 -1.16 29.89
N TYR B 258 7.76 -2.02 28.89
CA TYR B 258 6.75 -3.08 29.06
C TYR B 258 7.05 -3.93 30.30
N CYS B 259 8.33 -4.14 30.59
CA CYS B 259 8.81 -4.96 31.72
C CYS B 259 8.27 -4.54 33.06
N THR B 260 8.07 -3.24 33.24
CA THR B 260 7.61 -2.69 34.52
C THR B 260 6.13 -2.24 34.48
N ASP B 261 5.39 -2.53 33.42
CA ASP B 261 4.02 -2.11 33.26
C ASP B 261 3.13 -3.18 33.90
N ARG B 262 2.81 -3.00 35.16
CA ARG B 262 2.06 -4.04 35.90
C ARG B 262 0.57 -4.04 35.65
N SER B 263 0.05 -3.00 34.98
CA SER B 263 -1.32 -3.01 34.44
C SER B 263 -1.43 -4.02 33.29
N ARG B 264 -0.34 -4.17 32.55
CA ARG B 264 -0.32 -4.99 31.38
C ARG B 264 0.30 -6.34 31.64
N TYR B 265 1.36 -6.37 32.44
CA TYR B 265 2.09 -7.58 32.85
C TYR B 265 2.15 -7.65 34.40
N PRO B 266 1.14 -8.26 35.00
CA PRO B 266 1.09 -8.33 36.48
C PRO B 266 2.32 -9.00 37.08
N SER B 267 2.88 -9.91 36.33
CA SER B 267 4.17 -10.50 36.59
C SER B 267 5.20 -10.06 35.51
N MET B 268 6.46 -9.88 35.87
CA MET B 268 7.44 -9.41 34.89
C MET B 268 7.68 -10.50 33.86
N PRO B 269 7.68 -10.17 32.56
CA PRO B 269 8.06 -11.18 31.55
C PRO B 269 9.39 -11.82 31.91
N PRO B 270 9.57 -13.10 31.61
CA PRO B 270 10.75 -13.83 32.07
C PRO B 270 12.11 -13.29 31.60
N GLU B 271 12.16 -12.65 30.43
CA GLU B 271 13.43 -12.14 29.86
C GLU B 271 13.96 -10.88 30.52
N CYS B 272 13.11 -10.19 31.26
CA CYS B 272 13.39 -8.83 31.70
C CYS B 272 14.60 -8.69 32.62
N LYS B 273 14.85 -9.65 33.51
CA LYS B 273 16.01 -9.52 34.41
C LYS B 273 17.33 -9.74 33.69
N ARG B 274 17.37 -10.77 32.87
CA ARG B 274 18.55 -11.05 32.06
C ARG B 274 18.86 -9.91 31.10
N ASP B 275 17.81 -9.27 30.60
CA ASP B 275 17.91 -8.14 29.67
C ASP B 275 18.31 -6.84 30.38
N ARG B 276 18.36 -6.89 31.73
CA ARG B 276 18.62 -5.72 32.56
C ARG B 276 17.59 -4.60 32.32
N ASP B 277 16.37 -4.97 32.01
CA ASP B 277 15.26 -4.02 31.84
C ASP B 277 14.54 -3.74 33.15
N ILE B 278 15.01 -4.39 34.22
CA ILE B 278 14.64 -4.07 35.59
C ILE B 278 15.30 -2.76 36.05
#